data_8DE7
#
_entry.id   8DE7
#
_cell.length_a   1.00
_cell.length_b   1.00
_cell.length_c   1.00
_cell.angle_alpha   90.00
_cell.angle_beta   90.00
_cell.angle_gamma   90.00
#
_symmetry.space_group_name_H-M   'P 1'
#
loop_
_entity.id
_entity.type
_entity.pdbx_description
1 polymer 'Potassium channel, subfamily K, member 2a'
2 non-polymer DODECYL-BETA-D-MALTOSIDE
3 non-polymer 'POTASSIUM ION'
#
_entity_poly.entity_id   1
_entity_poly.type   'polypeptide(L)'
_entity_poly.pdbx_seq_one_letter_code
;MAAPDLLDPKSATHNTKPRLSFSSKPIVYNSGDDCESITTVMKWKTVLAIFLLVVLYLIIGATVFKALEQPEEGLQKYRI
IQEKIDFLSMHTCVQTSELEDLVKQVVLAIRAGVNPSGHPSQESSMWDLSSSFFFAGTVITTIGFGNVSPHTEGGRIFCI
IYALLGIPLFGFLLAGVGDQLGTIFGKGIAKVEKMFVKWNVSQTKIRVTSTVLFILFGCLLFVALPALIFQHIEGWSALE
SIYFVVITLTTIGFGDFVAGGSEIEYLDYYKPIVWFWILVGLAYFAAVLSMIGDWLRVISKKTKEEVGEFRAHAAEWTAN
V
;
_entity_poly.pdbx_strand_id   B,A
#
loop_
_chem_comp.id
_chem_comp.type
_chem_comp.name
_chem_comp.formula
K non-polymer 'POTASSIUM ION' 'K 1'
LMT D-saccharide DODECYL-BETA-D-MALTOSIDE 'C24 H46 O11'
#
# COMPACT_ATOMS: atom_id res chain seq x y z
N VAL A 41 -14.73 -9.80 -20.11
CA VAL A 41 -14.97 -9.43 -21.50
C VAL A 41 -16.28 -8.64 -21.66
N MET A 42 -16.14 -7.32 -21.83
CA MET A 42 -17.27 -6.43 -21.99
C MET A 42 -17.00 -5.48 -23.15
N LYS A 43 -18.06 -4.81 -23.60
CA LYS A 43 -17.95 -3.87 -24.71
C LYS A 43 -17.06 -2.68 -24.33
N TRP A 44 -16.45 -2.08 -25.35
CA TRP A 44 -15.60 -0.91 -25.13
C TRP A 44 -16.40 0.26 -24.57
N LYS A 45 -17.65 0.42 -25.02
CA LYS A 45 -18.50 1.49 -24.51
C LYS A 45 -18.76 1.34 -23.02
N THR A 46 -18.94 0.10 -22.56
CA THR A 46 -19.18 -0.14 -21.13
C THR A 46 -17.96 0.28 -20.30
N VAL A 47 -16.75 0.04 -20.82
CA VAL A 47 -15.53 0.45 -20.15
C VAL A 47 -15.47 1.97 -20.04
N LEU A 48 -15.85 2.68 -21.10
CA LEU A 48 -15.87 4.14 -21.04
C LEU A 48 -16.89 4.64 -20.03
N ALA A 49 -18.07 4.01 -19.98
CA ALA A 49 -19.09 4.43 -19.03
C ALA A 49 -18.64 4.20 -17.58
N ILE A 50 -18.05 3.05 -17.30
CA ILE A 50 -17.57 2.80 -15.94
C ILE A 50 -16.42 3.75 -15.61
N PHE A 51 -15.56 4.04 -16.59
CA PHE A 51 -14.47 4.98 -16.37
C PHE A 51 -15.01 6.36 -15.99
N LEU A 52 -16.03 6.81 -16.71
CA LEU A 52 -16.64 8.10 -16.38
C LEU A 52 -17.25 8.09 -14.99
N LEU A 53 -17.93 6.99 -14.63
CA LEU A 53 -18.53 6.89 -13.31
C LEU A 53 -17.47 6.94 -12.21
N VAL A 54 -16.35 6.23 -12.42
CA VAL A 54 -15.26 6.24 -11.43
C VAL A 54 -14.63 7.63 -11.33
N VAL A 55 -14.46 8.33 -12.47
CA VAL A 55 -13.91 9.67 -12.40
C VAL A 55 -14.84 10.61 -11.63
N LEU A 56 -16.15 10.49 -11.85
CA LEU A 56 -17.08 11.35 -11.11
C LEU A 56 -17.06 11.02 -9.62
N TYR A 57 -16.93 9.72 -9.31
CA TYR A 57 -16.80 9.28 -7.92
C TYR A 57 -15.56 9.89 -7.29
N LEU A 58 -14.45 9.87 -8.02
CA LEU A 58 -13.20 10.42 -7.53
C LEU A 58 -13.32 11.92 -7.28
N ILE A 59 -13.97 12.65 -8.20
CA ILE A 59 -14.10 14.10 -8.04
C ILE A 59 -14.98 14.45 -6.83
N ILE A 60 -16.11 13.76 -6.65
CA ILE A 60 -16.95 14.08 -5.50
C ILE A 60 -16.23 13.72 -4.20
N GLY A 61 -15.52 12.58 -4.18
CA GLY A 61 -14.76 12.23 -2.99
C GLY A 61 -13.66 13.21 -2.67
N ALA A 62 -12.95 13.68 -3.71
CA ALA A 62 -11.89 14.64 -3.52
C ALA A 62 -12.42 15.96 -2.98
N THR A 63 -13.56 16.43 -3.51
CA THR A 63 -14.13 17.68 -3.02
C THR A 63 -14.57 17.55 -1.56
N VAL A 64 -15.19 16.41 -1.22
CA VAL A 64 -15.64 16.21 0.16
C VAL A 64 -14.43 16.15 1.09
N PHE A 65 -13.36 15.46 0.67
CA PHE A 65 -12.17 15.37 1.50
C PHE A 65 -11.54 16.73 1.71
N LYS A 66 -11.48 17.55 0.65
CA LYS A 66 -10.86 18.87 0.76
C LYS A 66 -11.62 19.76 1.73
N ALA A 67 -12.95 19.82 1.58
CA ALA A 67 -13.75 20.65 2.49
C ALA A 67 -13.66 20.14 3.91
N LEU A 68 -13.75 18.82 4.08
CA LEU A 68 -13.70 18.20 5.40
C LEU A 68 -12.37 18.41 6.09
N GLU A 69 -11.26 18.49 5.34
CA GLU A 69 -9.95 18.47 5.99
C GLU A 69 -9.14 19.77 6.01
N GLN A 70 -9.53 20.84 5.33
CA GLN A 70 -8.73 22.07 5.49
C GLN A 70 -8.73 22.70 6.90
N PRO A 71 -9.80 22.66 7.72
CA PRO A 71 -9.67 23.29 9.06
C PRO A 71 -8.63 22.65 9.95
N GLU A 72 -8.54 21.32 9.99
CA GLU A 72 -7.54 20.66 10.82
C GLU A 72 -6.14 21.06 10.37
N GLU A 73 -5.90 21.05 9.05
CA GLU A 73 -4.61 21.44 8.53
C GLU A 73 -4.29 22.89 8.90
N GLY A 74 -5.29 23.78 8.84
CA GLY A 74 -5.04 25.16 9.22
C GLY A 74 -4.63 25.28 10.68
N LEU A 75 -5.32 24.54 11.55
CA LEU A 75 -4.98 24.57 12.97
C LEU A 75 -3.57 24.05 13.19
N GLN A 76 -3.20 23.00 12.45
CA GLN A 76 -1.86 22.42 12.53
C GLN A 76 -0.82 23.42 12.05
N LYS A 77 -1.07 24.04 10.90
CA LYS A 77 -0.12 24.98 10.31
C LYS A 77 0.12 26.14 11.25
N TYR A 78 -0.95 26.63 11.90
CA TYR A 78 -0.80 27.68 12.89
C TYR A 78 0.00 27.19 14.09
N ARG A 79 -0.23 25.95 14.51
CA ARG A 79 0.48 25.41 15.66
C ARG A 79 1.99 25.29 15.40
N ILE A 80 2.37 24.77 14.23
CA ILE A 80 3.79 24.65 13.92
C ILE A 80 4.44 26.03 13.78
N ILE A 81 3.79 26.96 13.09
CA ILE A 81 4.39 28.30 12.94
C ILE A 81 4.54 28.98 14.29
N GLN A 82 3.53 28.85 15.16
CA GLN A 82 3.62 29.44 16.49
C GLN A 82 4.73 28.78 17.31
N GLU A 83 4.90 27.46 17.18
CA GLU A 83 5.97 26.79 17.92
C GLU A 83 7.34 27.26 17.46
N LYS A 84 7.54 27.38 16.14
CA LYS A 84 8.83 27.84 15.64
C LYS A 84 9.11 29.29 16.04
N ILE A 85 8.12 30.18 15.92
CA ILE A 85 8.34 31.57 16.33
C ILE A 85 8.60 31.65 17.83
N ASP A 86 7.88 30.86 18.62
CA ASP A 86 8.10 30.84 20.07
C ASP A 86 9.51 30.40 20.40
N PHE A 87 10.01 29.37 19.72
CA PHE A 87 11.38 28.90 19.96
C PHE A 87 12.39 29.98 19.62
N LEU A 88 12.20 30.64 18.46
CA LEU A 88 13.15 31.67 18.03
C LEU A 88 13.15 32.84 19.01
N SER A 89 11.96 33.29 19.41
CA SER A 89 11.88 34.42 20.33
C SER A 89 12.42 34.04 21.70
N MET A 90 12.20 32.78 22.12
CA MET A 90 12.69 32.31 23.41
C MET A 90 14.21 32.29 23.48
N HIS A 91 14.88 31.85 22.41
CA HIS A 91 16.35 31.80 22.43
C HIS A 91 16.92 32.73 21.38
N THR A 92 17.68 33.73 21.84
CA THR A 92 18.30 34.72 20.97
C THR A 92 19.42 34.12 20.12
N CYS A 93 20.27 33.28 20.72
CA CYS A 93 21.44 32.74 20.05
C CYS A 93 21.10 31.88 18.83
N VAL A 94 20.03 31.09 18.90
CA VAL A 94 19.68 30.22 17.78
C VAL A 94 19.11 31.06 16.63
N GLN A 95 19.74 30.96 15.47
CA GLN A 95 19.26 31.66 14.29
C GLN A 95 18.29 30.79 13.47
N THR A 96 17.58 31.47 12.57
CA THR A 96 16.61 30.78 11.72
C THR A 96 17.31 29.80 10.78
N SER A 97 18.49 30.15 10.27
CA SER A 97 19.21 29.24 9.38
C SER A 97 19.60 27.96 10.11
N GLU A 98 20.06 28.09 11.36
CA GLU A 98 20.39 26.92 12.16
C GLU A 98 19.15 26.08 12.44
N LEU A 99 18.03 26.75 12.73
CA LEU A 99 16.79 26.01 12.99
C LEU A 99 16.36 25.25 11.75
N GLU A 100 16.48 25.87 10.57
CA GLU A 100 16.15 25.18 9.32
C GLU A 100 17.08 24.00 9.10
N ASP A 101 18.37 24.16 9.39
CA ASP A 101 19.33 23.07 9.22
C ASP A 101 18.94 21.89 10.10
N LEU A 102 18.55 22.17 11.35
CA LEU A 102 18.12 21.11 12.26
C LEU A 102 16.85 20.43 11.75
N VAL A 103 15.89 21.23 11.27
CA VAL A 103 14.65 20.67 10.74
C VAL A 103 14.92 19.78 9.53
N LYS A 104 15.85 20.21 8.66
CA LYS A 104 16.21 19.39 7.51
C LYS A 104 16.86 18.09 7.95
N GLN A 105 17.71 18.15 8.98
CA GLN A 105 18.32 16.92 9.48
C GLN A 105 17.27 15.97 10.03
N VAL A 106 16.31 16.50 10.80
CA VAL A 106 15.26 15.67 11.38
C VAL A 106 14.36 15.06 10.30
N VAL A 107 13.97 15.85 9.29
CA VAL A 107 13.12 15.28 8.22
C VAL A 107 13.88 14.21 7.46
N LEU A 108 15.20 14.41 7.25
CA LEU A 108 15.99 13.36 6.60
C LEU A 108 16.00 12.10 7.46
N ALA A 109 16.09 12.27 8.79
CA ALA A 109 16.07 11.13 9.69
C ALA A 109 14.74 10.38 9.60
N ILE A 110 13.62 11.11 9.56
CA ILE A 110 12.32 10.46 9.46
C ILE A 110 12.21 9.68 8.16
N ARG A 111 12.72 10.26 7.07
CA ARG A 111 12.76 9.56 5.80
C ARG A 111 13.70 8.37 5.88
N ALA A 112 14.82 8.53 6.60
CA ALA A 112 15.78 7.44 6.75
C ALA A 112 15.17 6.26 7.50
N GLY A 113 14.28 6.53 8.46
CA GLY A 113 13.63 5.48 9.21
C GLY A 113 13.99 5.42 10.68
N VAL A 114 14.80 6.35 11.18
CA VAL A 114 15.18 6.39 12.60
C VAL A 114 14.47 7.53 13.32
N ASN A 115 13.75 7.18 14.39
CA ASN A 115 13.10 8.21 15.18
C ASN A 115 14.14 9.08 15.90
N PRO A 116 13.90 10.39 15.99
CA PRO A 116 14.79 11.29 16.74
C PRO A 116 14.27 11.72 18.11
N SER A 117 13.07 11.29 18.50
CA SER A 117 12.43 11.76 19.73
C SER A 117 13.23 11.43 20.98
N GLY A 118 13.81 10.23 21.05
CA GLY A 118 14.54 9.82 22.24
C GLY A 118 15.89 9.23 21.90
N HIS A 119 16.77 9.23 22.91
CA HIS A 119 18.10 8.67 22.73
C HIS A 119 17.96 7.19 22.42
N PRO A 120 18.51 6.72 21.31
CA PRO A 120 18.38 5.31 20.96
C PRO A 120 19.40 4.40 21.62
N SER A 121 19.07 3.10 21.62
CA SER A 121 19.91 2.03 22.12
C SER A 121 20.36 1.20 20.93
N GLN A 122 21.68 1.04 20.76
CA GLN A 122 22.21 0.32 19.61
C GLN A 122 21.75 -1.13 19.55
N GLU A 123 21.54 -1.78 20.70
CA GLU A 123 21.09 -3.16 20.72
C GLU A 123 19.72 -3.34 20.10
N SER A 124 18.79 -2.42 20.37
CA SER A 124 17.42 -2.50 19.85
C SER A 124 17.30 -1.63 18.61
N SER A 125 16.85 -2.24 17.50
CA SER A 125 16.76 -1.51 16.25
C SER A 125 15.44 -1.82 15.56
N MET A 126 15.05 -0.92 14.66
CA MET A 126 13.81 -1.06 13.92
C MET A 126 13.82 -2.30 13.03
N TRP A 127 14.96 -2.61 12.42
CA TRP A 127 15.11 -3.78 11.54
C TRP A 127 15.42 -5.06 12.32
N ASP A 128 14.57 -5.36 13.30
CA ASP A 128 14.69 -6.60 14.06
C ASP A 128 14.10 -7.74 13.24
N LEU A 129 14.49 -8.97 13.60
CA LEU A 129 14.06 -10.15 12.85
C LEU A 129 12.54 -10.26 12.79
N SER A 130 11.87 -9.99 13.91
CA SER A 130 10.41 -9.99 13.92
C SER A 130 9.86 -8.89 13.01
N SER A 131 10.41 -7.68 13.13
CA SER A 131 9.95 -6.57 12.31
C SER A 131 10.33 -6.78 10.84
N SER A 132 11.51 -7.31 10.57
CA SER A 132 11.88 -7.60 9.19
C SER A 132 11.00 -8.68 8.60
N PHE A 133 10.60 -9.66 9.42
CA PHE A 133 9.66 -10.69 8.99
C PHE A 133 8.31 -10.06 8.64
N PHE A 134 7.87 -9.12 9.48
CA PHE A 134 6.61 -8.43 9.21
C PHE A 134 6.69 -7.61 7.94
N PHE A 135 7.83 -6.92 7.73
CA PHE A 135 8.00 -6.11 6.53
C PHE A 135 8.03 -6.97 5.28
N ALA A 136 8.69 -8.14 5.34
CA ALA A 136 8.72 -9.04 4.19
C ALA A 136 7.31 -9.56 3.87
N GLY A 137 6.55 -9.89 4.92
CA GLY A 137 5.18 -10.31 4.70
C GLY A 137 4.35 -9.19 4.10
N THR A 138 4.58 -7.97 4.56
CA THR A 138 3.91 -6.80 4.02
C THR A 138 4.22 -6.62 2.54
N VAL A 139 5.49 -6.82 2.16
CA VAL A 139 5.90 -6.69 0.76
C VAL A 139 5.18 -7.71 -0.11
N ILE A 140 5.19 -8.98 0.32
CA ILE A 140 4.50 -10.00 -0.47
C ILE A 140 2.99 -9.77 -0.50
N THR A 141 2.41 -9.27 0.60
CA THR A 141 0.98 -9.06 0.68
C THR A 141 0.53 -7.78 -0.02
N THR A 142 1.49 -6.93 -0.42
CA THR A 142 1.23 -5.63 -1.06
C THR A 142 0.49 -4.66 -0.14
N ILE A 143 0.64 -4.82 1.18
CA ILE A 143 0.06 -3.84 2.09
C ILE A 143 0.87 -2.54 2.03
N GLY A 144 2.19 -2.65 1.99
CA GLY A 144 3.09 -1.52 1.94
C GLY A 144 2.97 -0.44 3.00
N PHE A 145 3.20 -0.79 4.26
CA PHE A 145 3.05 0.18 5.34
C PHE A 145 3.99 1.37 5.15
N GLY A 146 5.24 1.10 4.75
CA GLY A 146 6.16 2.15 4.40
C GLY A 146 6.92 2.79 5.55
N ASN A 147 6.72 2.34 6.79
CA ASN A 147 7.56 2.87 7.87
C ASN A 147 8.98 2.37 7.71
N VAL A 148 9.14 1.12 7.27
CA VAL A 148 10.44 0.53 7.01
C VAL A 148 10.58 0.33 5.51
N SER A 149 11.64 0.88 4.95
CA SER A 149 11.95 0.79 3.53
C SER A 149 13.42 0.45 3.38
N PRO A 150 13.83 -0.06 2.22
CA PRO A 150 15.24 -0.47 2.06
C PRO A 150 16.26 0.65 2.28
N HIS A 151 16.04 1.84 1.72
CA HIS A 151 16.94 2.99 1.91
C HIS A 151 18.39 2.64 1.59
N THR A 152 18.60 1.89 0.51
CA THR A 152 19.90 1.41 0.03
C THR A 152 19.70 0.95 -1.41
N GLU A 153 20.74 1.15 -2.22
CA GLU A 153 20.66 0.79 -3.63
C GLU A 153 20.69 -0.71 -3.89
N GLY A 154 21.28 -1.50 -3.00
CA GLY A 154 21.14 -2.95 -3.11
C GLY A 154 19.83 -3.48 -2.55
N GLY A 155 19.41 -2.88 -1.43
CA GLY A 155 18.17 -3.28 -0.81
C GLY A 155 16.98 -3.01 -1.70
N ARG A 156 16.99 -1.88 -2.41
CA ARG A 156 15.87 -1.56 -3.29
C ARG A 156 15.75 -2.57 -4.43
N ILE A 157 16.89 -2.93 -5.04
CA ILE A 157 16.88 -3.91 -6.12
C ILE A 157 16.37 -5.25 -5.59
N PHE A 158 16.87 -5.67 -4.43
CA PHE A 158 16.38 -6.90 -3.84
C PHE A 158 14.88 -6.80 -3.58
N CYS A 159 14.40 -5.61 -3.21
CA CYS A 159 12.98 -5.43 -2.95
C CYS A 159 12.16 -5.68 -4.21
N ILE A 160 12.59 -5.10 -5.35
CA ILE A 160 11.83 -5.35 -6.58
C ILE A 160 11.85 -6.83 -6.95
N ILE A 161 13.02 -7.47 -6.86
CA ILE A 161 13.10 -8.89 -7.22
C ILE A 161 12.26 -9.74 -6.27
N TYR A 162 12.35 -9.45 -4.97
CA TYR A 162 11.64 -10.21 -3.96
C TYR A 162 10.13 -10.04 -4.12
N ALA A 163 9.66 -8.81 -4.34
CA ALA A 163 8.23 -8.60 -4.52
C ALA A 163 7.70 -9.29 -5.77
N LEU A 164 8.44 -9.19 -6.88
CA LEU A 164 7.98 -9.83 -8.12
C LEU A 164 7.89 -11.34 -8.00
N LEU A 165 8.92 -11.99 -7.44
CA LEU A 165 8.80 -13.44 -7.27
C LEU A 165 7.77 -13.83 -6.19
N GLY A 166 7.77 -13.12 -5.06
CA GLY A 166 6.90 -13.48 -3.95
C GLY A 166 5.41 -13.34 -4.20
N ILE A 167 4.99 -12.21 -4.80
CA ILE A 167 3.56 -11.90 -4.89
C ILE A 167 2.71 -12.94 -5.62
N PRO A 168 3.12 -13.54 -6.75
CA PRO A 168 2.27 -14.59 -7.33
C PRO A 168 2.13 -15.79 -6.40
N LEU A 169 3.22 -16.12 -5.70
CA LEU A 169 3.19 -17.22 -4.73
C LEU A 169 2.20 -16.93 -3.60
N PHE A 170 2.20 -15.70 -3.09
CA PHE A 170 1.22 -15.34 -2.08
C PHE A 170 -0.20 -15.37 -2.65
N GLY A 171 -0.34 -14.98 -3.92
CA GLY A 171 -1.65 -15.03 -4.55
C GLY A 171 -2.16 -16.45 -4.62
N PHE A 172 -1.28 -17.40 -4.96
CA PHE A 172 -1.68 -18.80 -5.01
C PHE A 172 -2.05 -19.31 -3.62
N LEU A 173 -1.31 -18.89 -2.58
CA LEU A 173 -1.68 -19.30 -1.23
C LEU A 173 -3.05 -18.75 -0.86
N LEU A 174 -3.29 -17.47 -1.16
CA LEU A 174 -4.56 -16.84 -0.84
C LEU A 174 -5.70 -17.51 -1.58
N ALA A 175 -5.50 -17.82 -2.86
CA ALA A 175 -6.54 -18.49 -3.64
C ALA A 175 -6.82 -19.88 -3.10
N GLY A 176 -5.76 -20.64 -2.76
CA GLY A 176 -5.96 -21.99 -2.25
C GLY A 176 -6.71 -22.00 -0.94
N VAL A 177 -6.35 -21.11 -0.02
CA VAL A 177 -7.06 -21.03 1.25
C VAL A 177 -8.49 -20.54 1.02
N GLY A 178 -8.65 -19.58 0.11
CA GLY A 178 -9.97 -19.06 -0.19
C GLY A 178 -10.89 -20.12 -0.75
N ASP A 179 -10.35 -21.00 -1.58
CA ASP A 179 -11.18 -22.03 -2.19
C ASP A 179 -11.48 -23.15 -1.20
N GLN A 180 -10.51 -23.48 -0.32
CA GLN A 180 -10.82 -24.47 0.71
C GLN A 180 -11.92 -23.96 1.65
N LEU A 181 -11.82 -22.69 2.07
CA LEU A 181 -12.85 -22.11 2.92
C LEU A 181 -14.17 -22.04 2.18
N GLY A 182 -14.13 -21.73 0.89
CA GLY A 182 -15.34 -21.68 0.10
C GLY A 182 -16.02 -23.03 0.05
N THR A 183 -15.21 -24.10 -0.05
CA THR A 183 -15.77 -25.45 -0.03
C THR A 183 -16.45 -25.78 1.30
N ILE A 184 -15.81 -25.45 2.43
CA ILE A 184 -16.48 -25.68 3.71
C ILE A 184 -17.74 -24.83 3.84
N PHE A 185 -17.68 -23.57 3.38
CA PHE A 185 -18.85 -22.72 3.43
C PHE A 185 -19.99 -23.26 2.56
N GLY A 186 -19.65 -23.80 1.39
CA GLY A 186 -20.67 -24.39 0.53
C GLY A 186 -21.33 -25.59 1.19
N LYS A 187 -20.54 -26.44 1.84
CA LYS A 187 -21.11 -27.58 2.56
C LYS A 187 -22.00 -27.11 3.71
N GLY A 188 -21.57 -26.08 4.44
CA GLY A 188 -22.42 -25.55 5.51
C GLY A 188 -23.73 -24.98 4.99
N ILE A 189 -23.66 -24.26 3.85
CA ILE A 189 -24.88 -23.73 3.25
C ILE A 189 -25.79 -24.86 2.81
N ALA A 190 -25.22 -25.93 2.25
CA ALA A 190 -26.03 -27.08 1.87
C ALA A 190 -26.66 -27.73 3.09
N LYS A 191 -25.92 -27.80 4.20
CA LYS A 191 -26.42 -28.37 5.44
C LYS A 191 -27.63 -27.59 5.96
N VAL A 192 -27.52 -26.26 5.98
CA VAL A 192 -28.63 -25.42 6.44
C VAL A 192 -29.70 -25.21 5.38
N GLU A 193 -29.44 -25.66 4.15
CA GLU A 193 -30.38 -25.46 3.04
C GLU A 193 -31.73 -26.15 3.29
N LYS A 194 -31.71 -27.36 3.85
CA LYS A 194 -32.98 -28.05 4.09
C LYS A 194 -33.81 -27.25 5.09
N MET A 195 -35.09 -27.04 4.75
CA MET A 195 -36.03 -26.27 5.58
C MET A 195 -37.40 -26.94 5.68
N PHE A 196 -37.50 -27.99 6.48
CA PHE A 196 -38.77 -28.63 6.70
C PHE A 196 -39.46 -28.11 7.96
N VAL A 197 -38.79 -27.21 8.69
CA VAL A 197 -39.32 -26.65 9.94
C VAL A 197 -40.28 -25.50 9.63
N LYS A 198 -40.95 -25.01 10.67
CA LYS A 198 -41.90 -23.90 10.60
C LYS A 198 -41.24 -22.60 10.13
N TRP A 199 -42.04 -21.78 9.43
CA TRP A 199 -41.60 -20.48 8.90
C TRP A 199 -40.43 -20.57 7.93
N ASN A 200 -40.51 -21.49 6.99
CA ASN A 200 -39.46 -21.64 5.98
C ASN A 200 -39.79 -20.67 4.84
N VAL A 201 -38.98 -19.61 4.74
CA VAL A 201 -39.17 -18.57 3.73
C VAL A 201 -38.48 -18.94 2.43
N SER A 202 -38.49 -18.02 1.47
CA SER A 202 -37.90 -18.29 0.16
C SER A 202 -36.38 -18.48 0.22
N GLN A 203 -35.88 -19.22 -0.79
CA GLN A 203 -34.46 -19.53 -0.88
C GLN A 203 -33.64 -18.25 -1.01
N THR A 204 -34.15 -17.25 -1.74
CA THR A 204 -33.44 -15.98 -1.86
C THR A 204 -33.26 -15.32 -0.50
N LYS A 205 -34.32 -15.29 0.30
CA LYS A 205 -34.23 -14.71 1.63
C LYS A 205 -33.22 -15.48 2.48
N ILE A 206 -33.24 -16.82 2.37
CA ILE A 206 -32.29 -17.64 3.12
C ILE A 206 -30.85 -17.37 2.70
N ARG A 207 -30.59 -17.30 1.40
CA ARG A 207 -29.22 -17.05 0.95
C ARG A 207 -28.74 -15.68 1.40
N VAL A 208 -29.60 -14.65 1.30
CA VAL A 208 -29.21 -13.32 1.75
C VAL A 208 -28.92 -13.33 3.24
N THR A 209 -29.74 -14.02 4.02
CA THR A 209 -29.54 -14.06 5.47
C THR A 209 -28.24 -14.78 5.82
N SER A 210 -27.95 -15.88 5.12
CA SER A 210 -26.70 -16.61 5.36
C SER A 210 -25.49 -15.74 5.02
N THR A 211 -25.56 -15.04 3.88
CA THR A 211 -24.45 -14.18 3.48
C THR A 211 -24.23 -13.06 4.51
N VAL A 212 -25.32 -12.46 4.98
CA VAL A 212 -25.22 -11.39 5.98
C VAL A 212 -24.62 -11.93 7.27
N LEU A 213 -25.08 -13.12 7.71
CA LEU A 213 -24.55 -13.72 8.92
C LEU A 213 -23.06 -14.02 8.79
N PHE A 214 -22.64 -14.57 7.65
CA PHE A 214 -21.23 -14.87 7.45
C PHE A 214 -20.39 -13.59 7.44
N ILE A 215 -20.86 -12.54 6.77
CA ILE A 215 -20.14 -11.28 6.73
C ILE A 215 -20.04 -10.68 8.13
N LEU A 216 -21.13 -10.72 8.89
CA LEU A 216 -21.10 -10.18 10.26
C LEU A 216 -20.15 -10.99 11.15
N PHE A 217 -20.14 -12.32 10.99
CA PHE A 217 -19.24 -13.14 11.81
C PHE A 217 -17.79 -12.84 11.48
N GLY A 218 -17.47 -12.70 10.19
CA GLY A 218 -16.12 -12.35 9.81
C GLY A 218 -15.73 -10.97 10.30
N CYS A 219 -16.65 -10.02 10.19
CA CYS A 219 -16.37 -8.65 10.63
C CYS A 219 -16.10 -8.62 12.13
N LEU A 220 -16.91 -9.33 12.91
CA LEU A 220 -16.68 -9.37 14.36
C LEU A 220 -15.35 -10.05 14.70
N LEU A 221 -15.06 -11.17 14.05
CA LEU A 221 -13.86 -11.93 14.38
C LEU A 221 -12.58 -11.18 13.98
N PHE A 222 -12.55 -10.51 12.82
CA PHE A 222 -11.34 -9.83 12.32
C PHE A 222 -11.36 -8.31 12.39
N VAL A 223 -12.44 -7.65 11.98
CA VAL A 223 -12.48 -6.19 12.03
C VAL A 223 -12.53 -5.68 13.46
N ALA A 224 -13.34 -6.29 14.33
CA ALA A 224 -13.54 -5.71 15.65
C ALA A 224 -12.72 -6.32 16.79
N LEU A 225 -12.59 -7.64 16.89
CA LEU A 225 -11.85 -8.19 18.03
C LEU A 225 -10.36 -7.81 17.98
N PRO A 226 -9.69 -7.89 16.82
CA PRO A 226 -8.30 -7.38 16.77
C PRO A 226 -8.24 -5.89 17.03
N ALA A 227 -9.25 -5.12 16.61
CA ALA A 227 -9.22 -3.69 16.87
C ALA A 227 -9.20 -3.42 18.37
N LEU A 228 -10.00 -4.16 19.15
CA LEU A 228 -9.94 -4.02 20.60
C LEU A 228 -8.59 -4.48 21.15
N ILE A 229 -8.02 -5.54 20.60
CA ILE A 229 -6.70 -5.97 21.07
C ILE A 229 -5.65 -4.90 20.80
N PHE A 230 -5.69 -4.30 19.61
CA PHE A 230 -4.76 -3.24 19.25
C PHE A 230 -4.96 -2.02 20.13
N GLN A 231 -6.21 -1.71 20.44
CA GLN A 231 -6.51 -0.58 21.32
C GLN A 231 -5.92 -0.82 22.70
N HIS A 232 -6.04 -2.04 23.21
CA HIS A 232 -5.49 -2.36 24.53
C HIS A 232 -3.96 -2.27 24.54
N ILE A 233 -3.30 -2.88 23.55
CA ILE A 233 -1.83 -2.88 23.55
C ILE A 233 -1.23 -1.50 23.28
N GLU A 234 -1.76 -0.76 22.30
CA GLU A 234 -1.14 0.50 21.91
C GLU A 234 -1.85 1.76 22.40
N GLY A 235 -2.98 1.64 23.09
CA GLY A 235 -3.70 2.82 23.54
C GLY A 235 -4.18 3.73 22.42
N TRP A 236 -4.57 3.16 21.29
CA TRP A 236 -5.07 3.97 20.19
C TRP A 236 -6.54 4.34 20.43
N SER A 237 -6.99 5.34 19.68
CA SER A 237 -8.39 5.73 19.70
C SER A 237 -9.24 4.60 19.10
N ALA A 238 -10.45 4.45 19.64
CA ALA A 238 -11.31 3.35 19.23
C ALA A 238 -11.61 3.41 17.74
N LEU A 239 -11.78 4.60 17.19
CA LEU A 239 -11.94 4.74 15.74
C LEU A 239 -10.67 4.36 15.00
N GLU A 240 -9.52 4.76 15.54
CA GLU A 240 -8.23 4.49 14.91
C GLU A 240 -7.97 2.99 14.80
N SER A 241 -8.40 2.21 15.79
CA SER A 241 -8.16 0.77 15.74
C SER A 241 -8.88 0.11 14.56
N ILE A 242 -10.17 0.43 14.37
CA ILE A 242 -10.89 -0.10 13.20
C ILE A 242 -10.32 0.48 11.92
N TYR A 243 -9.88 1.75 11.94
CA TYR A 243 -9.29 2.35 10.75
C TYR A 243 -8.04 1.57 10.32
N PHE A 244 -7.19 1.23 11.29
CA PHE A 244 -5.99 0.43 11.01
C PHE A 244 -6.35 -0.96 10.52
N VAL A 245 -7.33 -1.61 11.16
CA VAL A 245 -7.70 -2.97 10.74
C VAL A 245 -8.26 -2.97 9.32
N VAL A 246 -9.13 -2.01 9.01
CA VAL A 246 -9.70 -1.93 7.67
C VAL A 246 -8.62 -1.66 6.64
N ILE A 247 -7.69 -0.74 6.94
CA ILE A 247 -6.61 -0.46 6.00
C ILE A 247 -5.71 -1.68 5.79
N THR A 248 -5.36 -2.37 6.88
CA THR A 248 -4.48 -3.53 6.75
C THR A 248 -5.14 -4.67 5.99
N LEU A 249 -6.39 -5.00 6.34
CA LEU A 249 -7.07 -6.10 5.65
C LEU A 249 -7.40 -5.73 4.22
N THR A 250 -7.76 -4.47 4.00
CA THR A 250 -8.10 -3.98 2.66
C THR A 250 -6.88 -3.96 1.75
N THR A 251 -5.67 -3.82 2.33
CA THR A 251 -4.31 -3.78 1.74
C THR A 251 -3.90 -2.40 1.25
N ILE A 252 -4.66 -1.35 1.57
CA ILE A 252 -4.26 0.00 1.18
C ILE A 252 -2.96 0.40 1.86
N GLY A 253 -2.82 0.07 3.15
CA GLY A 253 -1.61 0.31 3.91
C GLY A 253 -1.02 1.71 3.92
N PHE A 254 -1.75 2.66 4.50
CA PHE A 254 -1.26 4.04 4.57
C PHE A 254 0.00 4.18 5.40
N GLY A 255 0.14 3.38 6.46
CA GLY A 255 1.29 3.54 7.33
C GLY A 255 1.08 4.51 8.45
N ASP A 256 -0.11 5.11 8.56
CA ASP A 256 -0.39 6.04 9.65
C ASP A 256 -0.25 5.36 10.99
N PHE A 257 -0.80 4.15 11.10
CA PHE A 257 -0.73 3.34 12.30
C PHE A 257 -0.13 2.00 11.92
N VAL A 258 0.91 1.59 12.62
CA VAL A 258 1.58 0.33 12.37
C VAL A 258 1.63 -0.45 13.68
N ALA A 259 1.54 -1.78 13.57
CA ALA A 259 1.55 -2.62 14.76
C ALA A 259 2.84 -2.44 15.55
N GLY A 260 3.97 -2.28 14.86
CA GLY A 260 5.25 -2.10 15.53
C GLY A 260 5.83 -0.71 15.47
N GLY A 261 5.07 0.30 15.04
CA GLY A 261 5.62 1.64 14.91
C GLY A 261 6.04 2.24 16.24
N SER A 262 5.16 2.19 17.24
CA SER A 262 5.41 2.80 18.53
C SER A 262 6.62 2.16 19.22
N GLU A 263 7.47 3.00 19.82
CA GLU A 263 8.63 2.49 20.56
C GLU A 263 8.25 2.23 22.02
N ILE A 264 7.58 1.09 22.21
CA ILE A 264 7.14 0.60 23.51
C ILE A 264 7.40 -0.91 23.50
N GLU A 265 7.60 -1.48 24.69
CA GLU A 265 7.90 -2.91 24.78
C GLU A 265 6.76 -3.76 24.21
N TYR A 266 7.14 -4.80 23.48
CA TYR A 266 6.23 -5.72 22.81
C TYR A 266 6.58 -7.18 23.09
N LEU A 267 5.57 -8.03 22.91
CA LEU A 267 5.77 -9.47 23.01
C LEU A 267 6.71 -9.93 21.91
N ASP A 268 7.45 -11.01 22.20
CA ASP A 268 8.45 -11.51 21.25
C ASP A 268 7.82 -11.91 19.92
N TYR A 269 6.63 -12.53 19.96
CA TYR A 269 5.94 -12.99 18.77
C TYR A 269 4.82 -12.07 18.31
N TYR A 270 4.85 -10.79 18.73
CA TYR A 270 3.76 -9.88 18.40
C TYR A 270 3.64 -9.67 16.89
N LYS A 271 4.76 -9.42 16.21
CA LYS A 271 4.74 -9.20 14.77
C LYS A 271 4.35 -10.48 14.02
N PRO A 272 4.90 -11.68 14.36
CA PRO A 272 4.42 -12.87 13.64
C PRO A 272 2.95 -13.15 13.86
N ILE A 273 2.42 -12.98 15.08
CA ILE A 273 1.01 -13.21 15.30
C ILE A 273 0.16 -12.20 14.54
N VAL A 274 0.61 -10.94 14.47
CA VAL A 274 -0.14 -9.94 13.73
C VAL A 274 -0.16 -10.29 12.24
N TRP A 275 0.98 -10.72 11.70
CA TRP A 275 1.01 -11.12 10.29
C TRP A 275 0.14 -12.35 10.05
N PHE A 276 0.13 -13.30 10.99
CA PHE A 276 -0.71 -14.47 10.85
C PHE A 276 -2.18 -14.08 10.81
N TRP A 277 -2.57 -13.13 11.66
CA TRP A 277 -3.95 -12.65 11.63
C TRP A 277 -4.25 -11.93 10.32
N ILE A 278 -3.28 -11.19 9.78
CA ILE A 278 -3.49 -10.51 8.50
C ILE A 278 -3.75 -11.53 7.41
N LEU A 279 -2.95 -12.60 7.38
CA LEU A 279 -3.14 -13.65 6.38
C LEU A 279 -4.50 -14.34 6.53
N VAL A 280 -4.89 -14.66 7.76
CA VAL A 280 -6.17 -15.33 7.99
C VAL A 280 -7.34 -14.43 7.59
N GLY A 281 -7.28 -13.15 7.97
CA GLY A 281 -8.36 -12.23 7.61
C GLY A 281 -8.46 -12.04 6.11
N LEU A 282 -7.32 -11.86 5.44
CA LEU A 282 -7.33 -11.67 4.00
C LEU A 282 -7.85 -12.91 3.29
N ALA A 283 -7.40 -14.09 3.70
CA ALA A 283 -7.86 -15.31 3.05
C ALA A 283 -9.35 -15.54 3.25
N TYR A 284 -9.85 -15.33 4.48
CA TYR A 284 -11.27 -15.53 4.74
C TYR A 284 -12.12 -14.54 3.95
N PHE A 285 -11.72 -13.27 3.94
CA PHE A 285 -12.45 -12.26 3.18
C PHE A 285 -12.36 -12.53 1.68
N ALA A 286 -11.22 -13.00 1.20
CA ALA A 286 -11.08 -13.38 -0.20
C ALA A 286 -12.04 -14.51 -0.55
N ALA A 287 -12.17 -15.49 0.34
CA ALA A 287 -13.10 -16.59 0.12
C ALA A 287 -14.53 -16.09 0.06
N VAL A 288 -14.90 -15.18 0.98
CA VAL A 288 -16.26 -14.65 1.00
C VAL A 288 -16.53 -13.85 -0.27
N LEU A 289 -15.57 -13.03 -0.69
CA LEU A 289 -15.73 -12.26 -1.93
C LEU A 289 -15.82 -13.17 -3.15
N SER A 290 -15.02 -14.24 -3.19
CA SER A 290 -15.11 -15.18 -4.30
C SER A 290 -16.46 -15.87 -4.35
N MET A 291 -17.00 -16.24 -3.19
CA MET A 291 -18.33 -16.86 -3.16
C MET A 291 -19.39 -15.89 -3.65
N ILE A 292 -19.31 -14.62 -3.22
CA ILE A 292 -20.26 -13.63 -3.71
C ILE A 292 -20.08 -13.41 -5.21
N GLY A 293 -18.84 -13.41 -5.70
CA GLY A 293 -18.62 -13.25 -7.13
C GLY A 293 -19.21 -14.37 -7.97
N ASP A 294 -19.03 -15.62 -7.53
CA ASP A 294 -19.61 -16.75 -8.24
C ASP A 294 -21.13 -16.70 -8.22
N TRP A 295 -21.69 -16.36 -7.06
CA TRP A 295 -23.14 -16.20 -6.94
C TRP A 295 -23.63 -15.06 -7.84
N LEU A 296 -22.85 -13.99 -7.92
CA LEU A 296 -23.18 -12.85 -8.77
C LEU A 296 -23.20 -13.28 -10.23
N ARG A 297 -22.26 -14.13 -10.60
CA ARG A 297 -22.20 -14.61 -11.98
C ARG A 297 -23.46 -15.39 -12.29
N VAL A 298 -23.89 -16.22 -11.35
CA VAL A 298 -25.09 -17.01 -11.54
C VAL A 298 -26.32 -16.12 -11.65
N ILE A 299 -26.36 -15.08 -10.83
CA ILE A 299 -27.48 -14.15 -10.83
C ILE A 299 -27.58 -13.47 -12.19
N SER A 300 -26.44 -13.08 -12.74
CA SER A 300 -26.40 -12.43 -14.03
C SER A 300 -26.93 -13.38 -15.11
N LYS A 301 -26.54 -14.64 -15.02
CA LYS A 301 -27.00 -15.63 -15.99
C LYS A 301 -28.50 -15.74 -15.88
N LYS A 302 -29.00 -15.73 -14.64
CA LYS A 302 -30.45 -15.82 -14.45
C LYS A 302 -31.13 -14.54 -14.91
N THR A 303 -32.33 -14.69 -15.47
CA THR A 303 -33.23 -13.63 -15.97
C THR A 303 -32.49 -12.62 -16.87
N THR B 39 -13.70 -24.09 -9.39
CA THR B 39 -13.63 -25.01 -8.26
C THR B 39 -12.34 -25.81 -8.28
N THR B 40 -11.21 -25.12 -8.04
CA THR B 40 -9.91 -25.78 -8.04
C THR B 40 -9.82 -26.84 -6.95
N VAL B 41 -10.30 -26.52 -5.75
CA VAL B 41 -10.38 -27.41 -4.59
C VAL B 41 -9.05 -28.12 -4.28
N MET B 42 -7.97 -27.35 -4.18
CA MET B 42 -6.68 -27.97 -3.84
C MET B 42 -6.76 -28.67 -2.49
N LYS B 43 -6.20 -29.88 -2.43
CA LYS B 43 -6.21 -30.66 -1.21
C LYS B 43 -5.38 -30.00 -0.12
N TRP B 44 -5.85 -30.11 1.12
CA TRP B 44 -5.22 -29.57 2.33
C TRP B 44 -3.71 -29.75 2.39
N LYS B 45 -3.19 -30.89 1.91
CA LYS B 45 -1.74 -31.09 1.92
C LYS B 45 -1.03 -30.10 1.02
N THR B 46 -1.59 -29.83 -0.16
CA THR B 46 -0.97 -28.91 -1.11
C THR B 46 -0.91 -27.49 -0.56
N VAL B 47 -2.03 -27.01 0.00
CA VAL B 47 -2.06 -25.66 0.56
C VAL B 47 -1.11 -25.53 1.74
N LEU B 48 -1.02 -26.55 2.60
CA LEU B 48 -0.07 -26.47 3.69
C LEU B 48 1.37 -26.54 3.21
N ALA B 49 1.60 -27.17 2.04
CA ALA B 49 2.93 -27.11 1.43
C ALA B 49 3.25 -25.70 0.96
N ILE B 50 2.27 -25.04 0.35
CA ILE B 50 2.47 -23.66 -0.09
C ILE B 50 2.68 -22.75 1.11
N PHE B 51 1.95 -23.00 2.19
CA PHE B 51 2.10 -22.20 3.42
C PHE B 51 3.50 -22.37 4.01
N LEU B 52 4.02 -23.60 4.04
CA LEU B 52 5.38 -23.81 4.52
C LEU B 52 6.39 -23.12 3.63
N LEU B 53 6.17 -23.17 2.31
CA LEU B 53 7.02 -22.49 1.36
C LEU B 53 7.03 -20.99 1.64
N VAL B 54 5.84 -20.41 1.83
CA VAL B 54 5.71 -18.98 2.06
C VAL B 54 6.42 -18.58 3.35
N VAL B 55 6.28 -19.40 4.40
CA VAL B 55 6.96 -19.08 5.66
C VAL B 55 8.48 -19.11 5.48
N LEU B 56 8.97 -20.07 4.70
CA LEU B 56 10.41 -20.12 4.43
C LEU B 56 10.84 -18.89 3.64
N TYR B 57 10.00 -18.45 2.70
CA TYR B 57 10.31 -17.29 1.88
C TYR B 57 10.44 -16.04 2.73
N LEU B 58 9.49 -15.82 3.67
CA LEU B 58 9.62 -14.68 4.57
C LEU B 58 10.83 -14.81 5.49
N ILE B 59 11.14 -16.01 5.99
CA ILE B 59 12.31 -16.15 6.87
C ILE B 59 13.60 -15.78 6.13
N ILE B 60 13.74 -16.25 4.88
CA ILE B 60 14.92 -15.90 4.09
C ILE B 60 14.95 -14.41 3.81
N GLY B 61 13.80 -13.83 3.48
CA GLY B 61 13.73 -12.40 3.24
C GLY B 61 14.10 -11.59 4.46
N ALA B 62 13.62 -12.00 5.64
CA ALA B 62 13.93 -11.30 6.87
C ALA B 62 15.42 -11.35 7.18
N THR B 63 16.05 -12.52 7.00
CA THR B 63 17.48 -12.62 7.29
C THR B 63 18.31 -11.75 6.34
N VAL B 64 18.01 -11.81 5.04
CA VAL B 64 18.76 -11.00 4.08
C VAL B 64 18.54 -9.51 4.35
N PHE B 65 17.29 -9.10 4.59
CA PHE B 65 17.00 -7.70 4.83
C PHE B 65 17.71 -7.21 6.09
N LYS B 66 17.76 -8.05 7.14
CA LYS B 66 18.48 -7.65 8.35
C LYS B 66 19.96 -7.44 8.04
N ALA B 67 20.55 -8.35 7.28
CA ALA B 67 21.97 -8.23 6.96
C ALA B 67 22.24 -6.94 6.18
N LEU B 68 21.40 -6.63 5.20
CA LEU B 68 21.61 -5.42 4.41
C LEU B 68 21.39 -4.16 5.24
N GLU B 69 20.26 -4.08 5.96
CA GLU B 69 19.89 -2.87 6.70
C GLU B 69 20.79 -2.55 7.90
N GLN B 70 21.29 -3.54 8.63
CA GLN B 70 22.00 -3.23 9.87
C GLN B 70 23.19 -2.26 9.75
N PRO B 71 24.09 -2.33 8.76
CA PRO B 71 25.15 -1.30 8.70
C PRO B 71 24.62 0.09 8.35
N GLU B 72 23.65 0.18 7.43
CA GLU B 72 23.10 1.49 7.09
C GLU B 72 22.38 2.10 8.29
N GLU B 73 21.64 1.29 9.03
CA GLU B 73 20.99 1.78 10.24
C GLU B 73 22.03 2.23 11.26
N GLY B 74 23.13 1.48 11.40
CA GLY B 74 24.17 1.89 12.34
C GLY B 74 24.78 3.23 11.97
N LEU B 75 25.01 3.44 10.67
CA LEU B 75 25.54 4.72 10.21
C LEU B 75 24.56 5.85 10.50
N GLN B 76 23.26 5.58 10.30
CA GLN B 76 22.23 6.56 10.61
C GLN B 76 22.24 6.91 12.10
N LYS B 77 22.27 5.87 12.96
CA LYS B 77 22.21 6.09 14.40
C LYS B 77 23.41 6.92 14.86
N TYR B 78 24.58 6.64 14.29
CA TYR B 78 25.78 7.41 14.62
C TYR B 78 25.66 8.85 14.13
N ARG B 79 25.08 9.04 12.95
CA ARG B 79 24.93 10.38 12.40
C ARG B 79 24.03 11.24 13.28
N ILE B 80 22.85 10.71 13.64
CA ILE B 80 21.93 11.48 14.47
C ILE B 80 22.50 11.75 15.85
N ILE B 81 23.17 10.76 16.45
CA ILE B 81 23.78 10.99 17.77
C ILE B 81 24.85 12.07 17.69
N GLN B 82 25.68 12.00 16.63
CA GLN B 82 26.73 13.00 16.44
C GLN B 82 26.14 14.39 16.23
N GLU B 83 25.07 14.49 15.43
CA GLU B 83 24.45 15.79 15.18
C GLU B 83 23.88 16.39 16.46
N LYS B 84 23.20 15.57 17.26
CA LYS B 84 22.65 16.08 18.52
C LYS B 84 23.75 16.55 19.46
N ILE B 85 24.84 15.76 19.55
CA ILE B 85 25.95 16.14 20.42
C ILE B 85 26.60 17.42 19.92
N ASP B 86 26.80 17.53 18.61
CA ASP B 86 27.41 18.72 18.02
C ASP B 86 26.58 19.96 18.28
N PHE B 87 25.25 19.85 18.14
CA PHE B 87 24.37 20.99 18.39
C PHE B 87 24.47 21.42 19.86
N LEU B 88 24.36 20.44 20.78
CA LEU B 88 24.39 20.76 22.20
C LEU B 88 25.72 21.40 22.58
N SER B 89 26.83 20.86 22.07
CA SER B 89 28.15 21.44 22.35
C SER B 89 28.27 22.83 21.75
N MET B 90 27.76 23.02 20.52
CA MET B 90 27.89 24.30 19.84
C MET B 90 27.16 25.42 20.57
N HIS B 91 25.93 25.17 21.04
CA HIS B 91 25.15 26.24 21.65
C HIS B 91 24.87 25.98 23.11
N THR B 92 25.31 26.90 23.96
CA THR B 92 25.06 26.82 25.40
C THR B 92 23.58 26.97 25.73
N CYS B 93 22.88 27.85 25.01
CA CYS B 93 21.49 28.18 25.32
C CYS B 93 20.58 26.96 25.25
N VAL B 94 20.78 26.12 24.22
CA VAL B 94 19.91 24.96 24.04
C VAL B 94 20.05 23.99 25.20
N GLN B 95 18.93 23.39 25.59
CA GLN B 95 18.85 22.42 26.66
C GLN B 95 18.30 21.12 26.08
N THR B 96 18.67 20.00 26.69
CA THR B 96 18.25 18.70 26.17
C THR B 96 16.74 18.57 26.16
N SER B 97 16.06 19.02 27.22
CA SER B 97 14.61 18.91 27.29
C SER B 97 13.93 19.76 26.21
N GLU B 98 14.39 21.01 26.03
CA GLU B 98 13.80 21.86 25.01
C GLU B 98 14.06 21.32 23.61
N LEU B 99 15.28 20.81 23.38
CA LEU B 99 15.61 20.24 22.07
C LEU B 99 14.74 19.03 21.78
N GLU B 100 14.52 18.18 22.79
CA GLU B 100 13.65 17.03 22.61
C GLU B 100 12.22 17.47 22.33
N ASP B 101 11.74 18.52 23.01
CA ASP B 101 10.38 18.99 22.77
C ASP B 101 10.23 19.50 21.35
N LEU B 102 11.22 20.24 20.85
CA LEU B 102 11.16 20.73 19.47
C LEU B 102 11.19 19.58 18.49
N VAL B 103 12.04 18.58 18.75
CA VAL B 103 12.13 17.40 17.88
C VAL B 103 10.81 16.65 17.88
N LYS B 104 10.18 16.51 19.04
CA LYS B 104 8.89 15.83 19.13
C LYS B 104 7.83 16.59 18.37
N GLN B 105 7.82 17.92 18.46
CA GLN B 105 6.85 18.71 17.71
C GLN B 105 7.05 18.53 16.21
N VAL B 106 8.31 18.50 15.77
CA VAL B 106 8.59 18.28 14.36
C VAL B 106 8.12 16.89 13.91
N VAL B 107 8.33 15.89 14.76
CA VAL B 107 7.88 14.53 14.44
C VAL B 107 6.37 14.47 14.33
N LEU B 108 5.65 15.17 15.23
CA LEU B 108 4.21 15.24 15.11
C LEU B 108 3.80 15.95 13.82
N ALA B 109 4.55 16.98 13.43
CA ALA B 109 4.25 17.67 12.17
C ALA B 109 4.41 16.71 10.99
N ILE B 110 5.45 15.87 11.01
CA ILE B 110 5.65 14.91 9.92
C ILE B 110 4.49 13.92 9.87
N ARG B 111 4.02 13.48 11.04
CA ARG B 111 2.85 12.62 11.07
C ARG B 111 1.62 13.38 10.58
N ALA B 112 1.53 14.66 10.95
CA ALA B 112 0.41 15.50 10.53
C ALA B 112 0.37 15.68 9.03
N GLY B 113 1.54 15.71 8.38
CA GLY B 113 1.65 15.94 6.96
C GLY B 113 2.12 17.33 6.57
N VAL B 114 2.11 18.27 7.52
CA VAL B 114 2.65 19.60 7.26
C VAL B 114 4.17 19.53 7.20
N ASN B 115 4.76 20.24 6.25
CA ASN B 115 6.21 20.21 6.11
C ASN B 115 6.83 21.22 7.08
N PRO B 116 7.68 20.77 8.00
CA PRO B 116 8.31 21.72 8.93
C PRO B 116 9.30 22.69 8.29
N SER B 117 10.06 22.23 7.29
CA SER B 117 11.13 23.02 6.68
C SER B 117 10.63 24.32 6.06
N GLY B 118 11.41 25.37 6.27
CA GLY B 118 11.15 26.71 5.76
C GLY B 118 9.78 27.23 6.18
N HIS B 119 9.10 27.89 5.26
CA HIS B 119 7.78 28.43 5.59
C HIS B 119 6.71 27.78 4.73
N PRO B 120 5.72 27.14 5.33
CA PRO B 120 4.63 26.55 4.55
C PRO B 120 3.67 27.61 4.05
N SER B 121 3.03 27.35 2.92
CA SER B 121 2.07 28.28 2.35
C SER B 121 0.67 27.79 2.68
N GLN B 122 -0.05 28.58 3.47
CA GLN B 122 -1.41 28.24 3.90
C GLN B 122 -2.40 28.20 2.75
N GLU B 123 -2.30 29.15 1.82
CA GLU B 123 -3.27 29.24 0.73
C GLU B 123 -3.02 28.24 -0.39
N SER B 124 -1.78 27.99 -0.78
CA SER B 124 -1.53 27.14 -1.93
C SER B 124 -0.43 26.12 -1.67
N SER B 125 -0.37 25.15 -2.58
CA SER B 125 0.58 24.03 -2.74
C SER B 125 0.25 22.81 -1.88
N MET B 126 -0.85 22.80 -1.11
CA MET B 126 -1.20 21.62 -0.34
C MET B 126 -2.68 21.31 -0.53
N TRP B 127 -2.98 20.03 -0.73
CA TRP B 127 -4.36 19.55 -0.96
C TRP B 127 -5.04 20.23 -2.14
N ASP B 128 -4.28 20.44 -3.22
CA ASP B 128 -4.87 21.00 -4.43
C ASP B 128 -5.79 19.96 -5.05
N LEU B 129 -6.81 20.44 -5.75
CA LEU B 129 -7.83 19.60 -6.40
C LEU B 129 -7.20 18.42 -7.12
N SER B 130 -6.05 18.65 -7.76
CA SER B 130 -5.30 17.57 -8.38
C SER B 130 -4.75 16.59 -7.34
N SER B 131 -4.16 17.12 -6.25
CA SER B 131 -3.58 16.25 -5.22
C SER B 131 -4.63 15.44 -4.48
N SER B 132 -5.76 16.05 -4.13
CA SER B 132 -6.80 15.30 -3.44
C SER B 132 -7.37 14.22 -4.36
N PHE B 133 -7.48 14.55 -5.66
CA PHE B 133 -7.90 13.59 -6.66
C PHE B 133 -6.94 12.41 -6.71
N PHE B 134 -5.63 12.72 -6.70
CA PHE B 134 -4.61 11.68 -6.71
C PHE B 134 -4.72 10.80 -5.47
N PHE B 135 -4.97 11.40 -4.30
CA PHE B 135 -5.12 10.60 -3.09
C PHE B 135 -6.35 9.69 -3.16
N ALA B 136 -7.44 10.19 -3.74
CA ALA B 136 -8.62 9.35 -3.90
C ALA B 136 -8.33 8.21 -4.87
N GLY B 137 -7.57 8.50 -5.92
CA GLY B 137 -7.20 7.45 -6.86
C GLY B 137 -6.35 6.37 -6.22
N THR B 138 -5.39 6.77 -5.39
CA THR B 138 -4.57 5.78 -4.69
C THR B 138 -5.38 4.96 -3.70
N VAL B 139 -6.28 5.60 -2.93
CA VAL B 139 -7.05 4.83 -1.95
C VAL B 139 -7.96 3.81 -2.64
N ILE B 140 -8.64 4.19 -3.72
CA ILE B 140 -9.45 3.19 -4.43
C ILE B 140 -8.56 2.15 -5.12
N THR B 141 -7.42 2.57 -5.65
CA THR B 141 -6.50 1.68 -6.34
C THR B 141 -5.85 0.68 -5.40
N THR B 142 -5.82 0.98 -4.10
CA THR B 142 -5.23 0.22 -2.97
C THR B 142 -3.74 0.47 -2.84
N ILE B 143 -3.17 1.41 -3.62
CA ILE B 143 -1.74 1.70 -3.51
C ILE B 143 -1.41 2.27 -2.15
N GLY B 144 -2.21 3.22 -1.66
CA GLY B 144 -2.02 3.80 -0.34
C GLY B 144 -0.65 4.34 0.02
N PHE B 145 -0.23 5.42 -0.65
CA PHE B 145 1.12 5.94 -0.43
C PHE B 145 1.36 6.36 1.01
N GLY B 146 0.40 7.01 1.63
CA GLY B 146 0.59 7.48 2.98
C GLY B 146 1.25 8.83 3.09
N ASN B 147 1.55 9.47 1.96
CA ASN B 147 2.11 10.82 1.96
C ASN B 147 1.14 11.80 2.61
N VAL B 148 -0.16 11.67 2.31
CA VAL B 148 -1.20 12.51 2.86
C VAL B 148 -2.27 11.60 3.44
N SER B 149 -2.74 11.94 4.64
CA SER B 149 -3.73 11.14 5.34
C SER B 149 -4.89 11.99 5.83
N PRO B 150 -6.03 11.36 6.19
CA PRO B 150 -7.21 12.14 6.62
C PRO B 150 -6.97 12.99 7.85
N HIS B 151 -6.37 12.42 8.89
CA HIS B 151 -5.99 13.11 10.12
C HIS B 151 -7.18 13.78 10.82
N THR B 152 -8.38 13.23 10.65
CA THR B 152 -9.60 13.69 11.30
C THR B 152 -10.52 12.49 11.47
N GLU B 153 -11.37 12.54 12.50
CA GLU B 153 -12.30 11.42 12.73
C GLU B 153 -13.25 11.26 11.55
N GLY B 154 -13.78 12.38 11.04
CA GLY B 154 -14.65 12.33 9.88
C GLY B 154 -13.91 11.83 8.66
N GLY B 155 -12.66 12.26 8.51
CA GLY B 155 -11.86 11.82 7.38
C GLY B 155 -11.62 10.33 7.42
N ARG B 156 -11.30 9.79 8.60
CA ARG B 156 -11.08 8.36 8.75
C ARG B 156 -12.34 7.56 8.43
N ILE B 157 -13.49 8.00 8.95
CA ILE B 157 -14.74 7.28 8.66
C ILE B 157 -15.06 7.35 7.17
N PHE B 158 -14.82 8.52 6.56
CA PHE B 158 -15.05 8.67 5.13
C PHE B 158 -14.10 7.76 4.37
N CYS B 159 -12.86 7.65 4.84
CA CYS B 159 -11.88 6.80 4.16
C CYS B 159 -12.31 5.35 4.19
N ILE B 160 -12.81 4.87 5.32
CA ILE B 160 -13.25 3.47 5.39
C ILE B 160 -14.45 3.22 4.48
N ILE B 161 -15.46 4.10 4.54
CA ILE B 161 -16.65 3.89 3.70
C ILE B 161 -16.31 4.05 2.22
N TYR B 162 -15.52 5.07 1.90
CA TYR B 162 -15.13 5.37 0.53
C TYR B 162 -14.27 4.25 -0.05
N ALA B 163 -13.34 3.71 0.74
CA ALA B 163 -12.51 2.62 0.26
C ALA B 163 -13.35 1.38 -0.03
N LEU B 164 -14.20 0.99 0.93
CA LEU B 164 -14.99 -0.22 0.72
C LEU B 164 -15.91 -0.10 -0.48
N LEU B 165 -16.58 1.04 -0.65
CA LEU B 165 -17.41 1.22 -1.84
C LEU B 165 -16.59 1.33 -3.14
N GLY B 166 -15.49 2.09 -3.10
CA GLY B 166 -14.67 2.31 -4.29
C GLY B 166 -13.95 1.11 -4.88
N ILE B 167 -13.40 0.23 -4.04
CA ILE B 167 -12.59 -0.89 -4.57
C ILE B 167 -13.34 -1.86 -5.47
N PRO B 168 -14.59 -2.27 -5.20
CA PRO B 168 -15.23 -3.20 -6.16
C PRO B 168 -15.40 -2.57 -7.54
N LEU B 169 -15.78 -1.29 -7.57
CA LEU B 169 -15.92 -0.56 -8.83
C LEU B 169 -14.59 -0.51 -9.56
N PHE B 170 -13.51 -0.15 -8.86
CA PHE B 170 -12.20 -0.07 -9.50
C PHE B 170 -11.74 -1.46 -9.95
N GLY B 171 -12.09 -2.52 -9.22
CA GLY B 171 -11.74 -3.85 -9.66
C GLY B 171 -12.44 -4.21 -10.96
N PHE B 172 -13.73 -3.87 -11.06
CA PHE B 172 -14.47 -4.11 -12.30
C PHE B 172 -13.87 -3.31 -13.44
N LEU B 173 -13.53 -2.05 -13.18
CA LEU B 173 -12.94 -1.20 -14.22
C LEU B 173 -11.59 -1.75 -14.64
N LEU B 174 -10.80 -2.23 -13.69
CA LEU B 174 -9.49 -2.78 -14.00
C LEU B 174 -9.63 -4.01 -14.87
N ALA B 175 -10.59 -4.88 -14.55
CA ALA B 175 -10.79 -6.06 -15.39
C ALA B 175 -11.24 -5.68 -16.79
N GLY B 176 -12.18 -4.73 -16.90
CA GLY B 176 -12.64 -4.31 -18.22
C GLY B 176 -11.56 -3.66 -19.06
N VAL B 177 -10.76 -2.79 -18.44
CA VAL B 177 -9.65 -2.15 -19.14
C VAL B 177 -8.60 -3.19 -19.51
N GLY B 178 -8.36 -4.16 -18.63
CA GLY B 178 -7.41 -5.21 -18.93
C GLY B 178 -7.83 -6.02 -20.14
N ASP B 179 -9.11 -6.37 -20.21
CA ASP B 179 -9.62 -7.11 -21.35
C ASP B 179 -9.53 -6.29 -22.64
N GLN B 180 -9.92 -5.01 -22.58
CA GLN B 180 -9.85 -4.18 -23.78
C GLN B 180 -8.41 -3.98 -24.25
N LEU B 181 -7.49 -3.70 -23.30
CA LEU B 181 -6.08 -3.53 -23.66
C LEU B 181 -5.50 -4.82 -24.19
N GLY B 182 -5.85 -5.96 -23.59
CA GLY B 182 -5.34 -7.23 -24.05
C GLY B 182 -5.81 -7.55 -25.45
N THR B 183 -7.09 -7.30 -25.73
CA THR B 183 -7.62 -7.57 -27.07
C THR B 183 -6.98 -6.66 -28.11
N ILE B 184 -6.87 -5.36 -27.82
CA ILE B 184 -6.26 -4.45 -28.79
C ILE B 184 -4.79 -4.79 -29.02
N PHE B 185 -4.06 -5.07 -27.94
CA PHE B 185 -2.65 -5.40 -28.04
C PHE B 185 -2.46 -6.70 -28.81
N GLY B 186 -3.31 -7.69 -28.53
CA GLY B 186 -3.24 -8.96 -29.23
C GLY B 186 -3.53 -8.80 -30.70
N LYS B 187 -4.53 -7.99 -31.05
CA LYS B 187 -4.84 -7.77 -32.46
C LYS B 187 -3.67 -7.11 -33.16
N GLY B 188 -3.02 -6.14 -32.48
CA GLY B 188 -1.85 -5.50 -33.07
C GLY B 188 -0.71 -6.49 -33.29
N ILE B 189 -0.48 -7.36 -32.30
CA ILE B 189 0.53 -8.39 -32.46
C ILE B 189 0.15 -9.32 -33.60
N ALA B 190 -1.14 -9.68 -33.68
CA ALA B 190 -1.64 -10.54 -34.74
C ALA B 190 -1.29 -9.97 -36.11
N LYS B 191 -1.53 -8.67 -36.29
CA LYS B 191 -1.23 -8.02 -37.57
C LYS B 191 0.27 -7.99 -37.86
N VAL B 192 1.09 -7.64 -36.85
CA VAL B 192 2.53 -7.58 -37.07
C VAL B 192 3.09 -8.97 -37.36
N GLU B 193 2.67 -9.97 -36.58
CA GLU B 193 3.11 -11.33 -36.80
C GLU B 193 2.69 -11.81 -38.18
N LYS B 194 1.41 -11.61 -38.54
CA LYS B 194 0.90 -12.08 -39.82
C LYS B 194 1.68 -11.46 -40.96
N MET B 195 2.14 -10.23 -40.78
CA MET B 195 3.05 -9.64 -41.74
C MET B 195 4.37 -10.40 -41.77
N PHE B 196 4.90 -10.73 -40.59
CA PHE B 196 6.20 -11.40 -40.43
C PHE B 196 6.12 -12.94 -40.26
N VAL B 197 4.94 -13.53 -40.42
CA VAL B 197 4.79 -14.97 -40.25
C VAL B 197 5.61 -15.82 -41.23
N LYS B 198 5.70 -15.38 -42.47
CA LYS B 198 6.43 -16.14 -43.51
C LYS B 198 7.93 -16.23 -43.22
N TRP B 199 8.54 -15.14 -42.80
CA TRP B 199 9.97 -15.20 -42.51
C TRP B 199 10.25 -16.10 -41.30
N ASN B 200 11.33 -16.89 -41.38
CA ASN B 200 11.79 -17.79 -40.30
C ASN B 200 10.69 -18.57 -39.57
N VAL B 201 9.82 -19.28 -40.31
CA VAL B 201 8.68 -19.92 -39.65
C VAL B 201 9.13 -21.01 -38.69
N SER B 202 8.64 -20.93 -37.47
CA SER B 202 8.83 -21.95 -36.43
C SER B 202 7.65 -21.87 -35.49
N GLN B 203 7.12 -23.03 -35.07
CA GLN B 203 6.03 -23.01 -34.10
C GLN B 203 6.50 -22.71 -32.68
N THR B 204 7.74 -23.07 -32.34
CA THR B 204 8.29 -22.65 -31.05
C THR B 204 8.58 -21.15 -31.05
N LYS B 205 9.26 -20.68 -32.10
CA LYS B 205 9.65 -19.27 -32.18
C LYS B 205 8.47 -18.34 -32.23
N ILE B 206 7.39 -18.70 -32.95
CA ILE B 206 6.25 -17.78 -33.04
C ILE B 206 5.71 -17.43 -31.65
N ARG B 207 5.51 -18.44 -30.79
CA ARG B 207 5.04 -18.20 -29.44
C ARG B 207 6.09 -17.53 -28.56
N VAL B 208 7.37 -17.89 -28.72
CA VAL B 208 8.40 -17.27 -27.89
C VAL B 208 8.58 -15.80 -28.25
N THR B 209 8.51 -15.50 -29.56
CA THR B 209 8.57 -14.12 -30.03
C THR B 209 7.34 -13.35 -29.55
N SER B 210 6.16 -13.96 -29.60
CA SER B 210 4.95 -13.24 -29.20
C SER B 210 5.02 -12.87 -27.72
N THR B 211 5.36 -13.83 -26.86
CA THR B 211 5.44 -13.55 -25.43
C THR B 211 6.53 -12.54 -25.11
N VAL B 212 7.73 -12.71 -25.70
CA VAL B 212 8.82 -11.77 -25.42
C VAL B 212 8.48 -10.38 -25.93
N LEU B 213 7.87 -10.30 -27.12
CA LEU B 213 7.50 -9.02 -27.68
C LEU B 213 6.47 -8.31 -26.82
N PHE B 214 5.47 -9.05 -26.33
CA PHE B 214 4.46 -8.43 -25.48
C PHE B 214 5.06 -7.92 -24.18
N ILE B 215 5.90 -8.75 -23.53
CA ILE B 215 6.49 -8.34 -22.25
C ILE B 215 7.40 -7.13 -22.42
N LEU B 216 8.31 -7.18 -23.40
CA LEU B 216 9.23 -6.05 -23.59
C LEU B 216 8.53 -4.80 -24.10
N PHE B 217 7.64 -4.93 -25.09
CA PHE B 217 6.99 -3.74 -25.63
C PHE B 217 6.14 -3.05 -24.59
N GLY B 218 5.38 -3.82 -23.80
CA GLY B 218 4.63 -3.20 -22.73
C GLY B 218 5.52 -2.63 -21.64
N CYS B 219 6.58 -3.37 -21.28
CA CYS B 219 7.46 -2.95 -20.19
C CYS B 219 8.16 -1.63 -20.49
N LEU B 220 8.64 -1.43 -21.72
CA LEU B 220 9.36 -0.19 -22.01
C LEU B 220 8.47 1.03 -21.85
N LEU B 221 7.32 1.04 -22.52
CA LEU B 221 6.42 2.20 -22.42
C LEU B 221 5.85 2.38 -21.01
N PHE B 222 5.33 1.31 -20.41
CA PHE B 222 4.72 1.45 -19.08
C PHE B 222 5.70 1.73 -17.95
N VAL B 223 6.89 1.12 -17.92
CA VAL B 223 7.82 1.31 -16.81
C VAL B 223 9.05 2.13 -17.19
N ALA B 224 9.71 1.79 -18.32
CA ALA B 224 10.96 2.47 -18.66
C ALA B 224 10.78 3.94 -18.97
N LEU B 225 9.72 4.31 -19.70
CA LEU B 225 9.55 5.73 -20.04
C LEU B 225 9.17 6.56 -18.82
N PRO B 226 8.24 6.12 -17.96
CA PRO B 226 7.96 6.93 -16.76
C PRO B 226 9.16 7.06 -15.84
N ALA B 227 10.00 6.05 -15.71
CA ALA B 227 11.17 6.17 -14.85
C ALA B 227 12.08 7.30 -15.32
N LEU B 228 12.31 7.38 -16.64
CA LEU B 228 13.12 8.49 -17.19
C LEU B 228 12.42 9.83 -17.00
N ILE B 229 11.10 9.89 -17.23
CA ILE B 229 10.38 11.15 -17.06
C ILE B 229 10.43 11.60 -15.60
N PHE B 230 10.30 10.66 -14.66
CA PHE B 230 10.38 10.98 -13.25
C PHE B 230 11.78 11.45 -12.90
N GLN B 231 12.80 10.79 -13.47
CA GLN B 231 14.19 11.15 -13.25
C GLN B 231 14.46 12.58 -13.68
N HIS B 232 14.00 12.94 -14.88
CA HIS B 232 14.19 14.32 -15.34
C HIS B 232 13.39 15.33 -14.53
N ILE B 233 12.11 15.05 -14.24
CA ILE B 233 11.26 16.02 -13.55
C ILE B 233 11.70 16.24 -12.09
N GLU B 234 12.12 15.19 -11.38
CA GLU B 234 12.49 15.29 -9.98
C GLU B 234 13.94 14.87 -9.77
N GLY B 235 14.49 15.23 -8.60
CA GLY B 235 15.88 14.94 -8.33
C GLY B 235 16.22 13.46 -8.13
N TRP B 236 15.23 12.57 -8.16
CA TRP B 236 15.45 11.16 -7.91
C TRP B 236 16.39 10.55 -8.95
N SER B 237 17.19 9.57 -8.50
CA SER B 237 18.08 8.85 -9.38
C SER B 237 17.30 7.81 -10.18
N ALA B 238 17.96 7.24 -11.20
CA ALA B 238 17.31 6.29 -12.08
C ALA B 238 16.84 5.06 -11.33
N LEU B 239 17.68 4.53 -10.43
CA LEU B 239 17.30 3.36 -9.65
C LEU B 239 16.11 3.66 -8.74
N GLU B 240 16.13 4.85 -8.11
CA GLU B 240 15.02 5.25 -7.26
C GLU B 240 13.74 5.37 -8.06
N SER B 241 13.82 5.95 -9.26
CA SER B 241 12.64 6.09 -10.12
C SER B 241 12.09 4.73 -10.52
N ILE B 242 12.96 3.79 -10.89
CA ILE B 242 12.50 2.45 -11.26
C ILE B 242 11.86 1.77 -10.06
N TYR B 243 12.46 1.93 -8.89
CA TYR B 243 11.90 1.37 -7.66
C TYR B 243 10.52 1.96 -7.39
N PHE B 244 10.36 3.26 -7.63
CA PHE B 244 9.09 3.94 -7.43
C PHE B 244 8.03 3.37 -8.36
N VAL B 245 8.38 3.18 -9.63
CA VAL B 245 7.43 2.63 -10.60
C VAL B 245 7.05 1.20 -10.24
N VAL B 246 8.02 0.38 -9.83
CA VAL B 246 7.71 -0.99 -9.44
C VAL B 246 6.78 -1.01 -8.23
N ILE B 247 7.03 -0.15 -7.25
CA ILE B 247 6.18 -0.11 -6.05
C ILE B 247 4.74 0.29 -6.39
N THR B 248 4.55 1.36 -7.18
CA THR B 248 3.17 1.74 -7.51
C THR B 248 2.47 0.72 -8.39
N LEU B 249 3.13 0.25 -9.45
CA LEU B 249 2.51 -0.72 -10.33
C LEU B 249 2.24 -2.04 -9.60
N THR B 250 3.13 -2.40 -8.70
CA THR B 250 2.98 -3.63 -7.94
C THR B 250 1.88 -3.52 -6.90
N THR B 251 1.48 -2.30 -6.55
CA THR B 251 0.44 -1.88 -5.59
C THR B 251 0.95 -1.88 -4.15
N ILE B 252 2.26 -2.04 -3.93
CA ILE B 252 2.77 -1.99 -2.56
C ILE B 252 2.59 -0.60 -1.96
N GLY B 253 2.90 0.45 -2.73
CA GLY B 253 2.74 1.82 -2.29
C GLY B 253 3.36 2.22 -0.96
N PHE B 254 4.67 1.98 -0.80
CA PHE B 254 5.34 2.28 0.46
C PHE B 254 5.22 3.75 0.84
N GLY B 255 5.28 4.64 -0.13
CA GLY B 255 5.25 6.05 0.14
C GLY B 255 6.61 6.67 0.33
N ASP B 256 7.68 5.90 0.18
CA ASP B 256 9.03 6.45 0.26
C ASP B 256 9.24 7.48 -0.83
N PHE B 257 8.78 7.17 -2.03
CA PHE B 257 8.85 8.09 -3.16
C PHE B 257 7.44 8.24 -3.70
N VAL B 258 6.99 9.49 -3.80
CA VAL B 258 5.66 9.80 -4.30
C VAL B 258 5.82 10.92 -5.32
N ALA B 259 5.25 10.73 -6.52
CA ALA B 259 5.32 11.77 -7.52
C ALA B 259 4.54 12.98 -7.05
N GLY B 260 5.13 14.16 -7.17
CA GLY B 260 4.48 15.36 -6.70
C GLY B 260 4.70 15.69 -5.24
N GLY B 261 5.31 14.77 -4.47
CA GLY B 261 5.51 15.03 -3.05
C GLY B 261 6.43 16.21 -2.78
N SER B 262 7.51 16.32 -3.55
CA SER B 262 8.46 17.41 -3.34
C SER B 262 7.80 18.75 -3.61
N GLU B 263 8.17 19.75 -2.81
CA GLU B 263 7.61 21.10 -2.94
C GLU B 263 8.37 21.86 -4.03
N ILE B 264 8.06 21.51 -5.28
CA ILE B 264 8.66 22.12 -6.46
C ILE B 264 7.55 22.46 -7.43
N GLU B 265 7.87 23.35 -8.38
CA GLU B 265 6.88 23.74 -9.38
C GLU B 265 6.47 22.53 -10.23
N TYR B 266 5.17 22.45 -10.52
CA TYR B 266 4.61 21.33 -11.25
C TYR B 266 3.72 21.82 -12.37
N LEU B 267 3.41 20.90 -13.29
CA LEU B 267 2.52 21.22 -14.39
C LEU B 267 1.09 21.29 -13.88
N ASP B 268 0.22 21.94 -14.68
CA ASP B 268 -1.15 22.22 -14.25
C ASP B 268 -1.94 20.95 -13.93
N TYR B 269 -1.75 19.89 -14.71
CA TYR B 269 -2.46 18.62 -14.53
C TYR B 269 -1.43 17.49 -14.50
N TYR B 270 -0.74 17.35 -13.37
CA TYR B 270 0.28 16.33 -13.16
C TYR B 270 -0.31 15.10 -12.48
N LYS B 271 -1.11 15.31 -11.44
CA LYS B 271 -1.74 14.19 -10.75
C LYS B 271 -2.68 13.39 -11.65
N PRO B 272 -3.54 14.00 -12.49
CA PRO B 272 -4.39 13.15 -13.35
C PRO B 272 -3.61 12.34 -14.36
N ILE B 273 -2.60 12.91 -15.02
CA ILE B 273 -1.84 12.13 -16.00
C ILE B 273 -1.10 10.98 -15.31
N VAL B 274 -0.55 11.23 -14.11
CA VAL B 274 0.11 10.14 -13.40
C VAL B 274 -0.90 9.05 -13.00
N TRP B 275 -2.08 9.45 -12.54
CA TRP B 275 -3.09 8.46 -12.18
C TRP B 275 -3.55 7.67 -13.40
N PHE B 276 -3.71 8.33 -14.54
CA PHE B 276 -4.10 7.64 -15.77
C PHE B 276 -3.04 6.64 -16.18
N TRP B 277 -1.76 7.02 -16.06
CA TRP B 277 -0.68 6.09 -16.34
C TRP B 277 -0.72 4.90 -15.39
N ILE B 278 -1.03 5.14 -14.11
CA ILE B 278 -1.13 4.04 -13.15
C ILE B 278 -2.26 3.11 -13.57
N LEU B 279 -3.37 3.70 -14.01
CA LEU B 279 -4.55 2.94 -14.41
C LEU B 279 -4.25 2.02 -15.60
N VAL B 280 -3.66 2.57 -16.66
CA VAL B 280 -3.32 1.74 -17.82
C VAL B 280 -2.23 0.73 -17.46
N GLY B 281 -1.24 1.14 -16.67
CA GLY B 281 -0.14 0.26 -16.31
C GLY B 281 -0.55 -0.95 -15.48
N LEU B 282 -1.52 -0.76 -14.57
CA LEU B 282 -1.91 -1.84 -13.67
C LEU B 282 -2.42 -3.08 -14.39
N ALA B 283 -3.19 -2.92 -15.47
CA ALA B 283 -3.69 -4.08 -16.19
C ALA B 283 -2.55 -4.90 -16.77
N TYR B 284 -1.56 -4.23 -17.38
CA TYR B 284 -0.40 -4.94 -17.90
C TYR B 284 0.40 -5.59 -16.80
N PHE B 285 0.59 -4.88 -15.68
CA PHE B 285 1.38 -5.48 -14.61
C PHE B 285 0.67 -6.69 -14.04
N ALA B 286 -0.67 -6.65 -13.95
CA ALA B 286 -1.43 -7.80 -13.50
C ALA B 286 -1.22 -8.97 -14.44
N ALA B 287 -1.19 -8.69 -15.75
CA ALA B 287 -0.93 -9.76 -16.72
C ALA B 287 0.47 -10.33 -16.51
N VAL B 288 1.45 -9.47 -16.23
CA VAL B 288 2.81 -9.94 -15.96
C VAL B 288 2.84 -10.80 -14.71
N LEU B 289 2.07 -10.41 -13.68
CA LEU B 289 1.99 -11.20 -12.46
C LEU B 289 1.41 -12.57 -12.76
N SER B 290 0.40 -12.62 -13.64
CA SER B 290 -0.15 -13.91 -14.05
C SER B 290 0.90 -14.74 -14.78
N MET B 291 1.70 -14.12 -15.65
CA MET B 291 2.75 -14.84 -16.37
C MET B 291 3.80 -15.41 -15.42
N ILE B 292 4.18 -14.64 -14.40
CA ILE B 292 5.10 -15.16 -13.39
C ILE B 292 4.43 -16.28 -12.59
N GLY B 293 3.14 -16.13 -12.32
CA GLY B 293 2.45 -17.19 -11.60
C GLY B 293 2.44 -18.48 -12.39
N ASP B 294 2.24 -18.36 -13.71
CA ASP B 294 2.29 -19.53 -14.59
C ASP B 294 3.67 -20.16 -14.56
N TRP B 295 4.71 -19.32 -14.51
CA TRP B 295 6.07 -19.84 -14.43
C TRP B 295 6.25 -20.63 -13.15
N LEU B 296 5.71 -20.11 -12.05
CA LEU B 296 5.80 -20.80 -10.76
C LEU B 296 5.08 -22.14 -10.80
N ARG B 297 3.87 -22.18 -11.37
CA ARG B 297 3.15 -23.43 -11.40
C ARG B 297 3.90 -24.48 -12.19
N VAL B 298 4.45 -24.07 -13.32
CA VAL B 298 5.18 -24.98 -14.17
C VAL B 298 6.41 -25.51 -13.45
N ILE B 299 7.04 -24.65 -12.66
CA ILE B 299 8.15 -25.08 -11.86
C ILE B 299 7.65 -26.12 -10.84
N SER B 300 6.32 -26.18 -10.65
CA SER B 300 5.69 -27.11 -9.71
C SER B 300 5.89 -28.58 -10.08
N LYS B 301 5.81 -28.90 -11.37
CA LYS B 301 6.00 -30.27 -11.80
C LYS B 301 7.47 -30.63 -11.98
C1B LMT C . -7.19 -7.01 -2.44
C2B LMT C . -7.14 -6.40 -3.85
C3B LMT C . -5.78 -6.23 -4.41
C4B LMT C . -4.67 -6.71 -3.54
C5B LMT C . -4.97 -8.10 -2.96
C6B LMT C . -3.88 -8.47 -2.02
O1B LMT C . -8.47 -7.46 -2.22
O2B LMT C . -7.89 -7.25 -4.74
O3B LMT C . -5.56 -4.81 -4.68
O4' LMT C . -3.47 -6.78 -4.32
O5B LMT C . -6.26 -8.17 -2.25
O6B LMT C . -3.48 -9.80 -2.24
C1' LMT C . -11.03 -7.18 1.18
C2' LMT C . -10.75 -5.93 0.34
C3' LMT C . -9.89 -6.09 -0.88
C4' LMT C . -8.90 -7.21 -0.86
C5' LMT C . -9.53 -8.47 -0.31
C6' LMT C . -8.56 -9.62 -0.33
O1' LMT C . -11.20 -6.93 2.53
O2' LMT C . -12.00 -5.40 -0.11
O3' LMT C . -9.18 -4.83 -1.09
O5' LMT C . -9.97 -8.25 1.08
O6' LMT C . -8.34 -10.02 -1.66
C1 LMT C . -11.47 -5.59 2.99
C2 LMT C . -11.79 -5.63 4.53
C3 LMT C . -12.26 -4.25 5.05
C4 LMT C . -12.92 -4.40 6.44
C5 LMT C . -14.18 -3.49 6.47
C6 LMT C . -15.36 -4.13 7.28
C7 LMT C . -16.56 -4.50 6.35
C8 LMT C . -16.09 -4.97 4.93
C9 LMT C . -17.09 -6.00 4.37
C10 LMT C . -16.36 -6.94 3.38
C11 LMT C . -17.25 -8.17 3.10
C12 LMT C . -17.09 -8.57 1.63
K K D . -2.59 -3.48 -2.57
K K E . -0.71 -0.89 -0.64
K K F . 0.64 1.07 0.88
#